data_5VNT
#
_entry.id   5VNT
#
_entity_poly.entity_id   1
_entity_poly.type   'polypeptide(L)'
_entity_poly.pdbx_seq_one_letter_code
;LPAHPYDRLKTTSTDPVSDIDVTRREAYLSSEEFKEKFGMTKEAFYKLPKWKQNKFKMAVQLF
;
_entity_poly.pdbx_strand_id   A
#
# COMPACT_ATOMS: atom_id res chain seq x y z
N LEU A 1 -10.79 2.69 -9.40
CA LEU A 1 -9.90 3.84 -9.49
C LEU A 1 -8.52 3.42 -9.96
N PRO A 2 -7.75 4.38 -10.50
CA PRO A 2 -6.39 4.13 -10.99
C PRO A 2 -5.41 3.84 -9.86
N ALA A 3 -4.44 2.98 -10.13
CA ALA A 3 -3.43 2.62 -9.14
C ALA A 3 -2.02 2.82 -9.69
N HIS A 4 -1.04 2.80 -8.79
CA HIS A 4 0.36 2.98 -9.19
C HIS A 4 1.18 1.74 -8.86
N PRO A 5 2.16 1.43 -9.72
CA PRO A 5 3.04 0.27 -9.54
C PRO A 5 3.99 0.44 -8.37
N TYR A 6 4.45 -0.67 -7.82
CA TYR A 6 5.37 -0.65 -6.70
C TYR A 6 6.73 -0.07 -7.11
N ASP A 7 7.12 -0.34 -8.34
CA ASP A 7 8.39 0.16 -8.86
C ASP A 7 8.45 1.68 -8.81
N ARG A 8 7.29 2.31 -8.88
CA ARG A 8 7.20 3.77 -8.83
C ARG A 8 6.82 4.25 -7.44
N LEU A 9 6.19 3.37 -6.66
CA LEU A 9 5.77 3.71 -5.31
C LEU A 9 6.86 3.36 -4.29
N LYS A 10 7.13 4.28 -3.39
CA LYS A 10 8.15 4.08 -2.37
C LYS A 10 7.60 4.41 -0.97
N THR A 11 8.32 3.98 0.06
CA THR A 11 7.90 4.22 1.43
C THR A 11 7.85 5.71 1.74
N THR A 12 8.86 6.44 1.26
CA THR A 12 8.94 7.88 1.47
C THR A 12 9.15 8.62 0.16
N SER A 13 8.40 8.22 -0.87
CA SER A 13 8.49 8.85 -2.18
C SER A 13 7.53 10.03 -2.29
N THR A 14 7.89 11.02 -3.10
CA THR A 14 7.07 12.20 -3.29
C THR A 14 6.43 12.20 -4.67
N ASP A 15 6.54 11.08 -5.37
CA ASP A 15 5.98 10.95 -6.71
C ASP A 15 4.50 11.36 -6.72
N PRO A 16 3.98 11.67 -7.92
CA PRO A 16 2.58 12.08 -8.08
C PRO A 16 1.61 10.93 -7.85
N VAL A 17 0.38 11.27 -7.48
CA VAL A 17 -0.65 10.27 -7.24
C VAL A 17 -1.99 10.69 -7.83
N SER A 18 -2.96 9.79 -7.79
CA SER A 18 -4.29 10.07 -8.33
C SER A 18 -5.19 10.68 -7.25
N ASP A 19 -4.58 11.08 -6.15
CA ASP A 19 -5.32 11.69 -5.05
C ASP A 19 -6.26 10.68 -4.40
N ILE A 20 -5.69 9.76 -3.63
CA ILE A 20 -6.48 8.74 -2.95
C ILE A 20 -6.17 8.69 -1.46
N ASP A 21 -6.67 7.68 -0.78
CA ASP A 21 -6.44 7.51 0.65
C ASP A 21 -4.97 7.73 0.99
N VAL A 22 -4.65 8.93 1.45
CA VAL A 22 -3.27 9.26 1.82
C VAL A 22 -2.76 8.35 2.93
N THR A 23 -3.61 8.11 3.92
CA THR A 23 -3.24 7.25 5.03
C THR A 23 -3.03 5.81 4.59
N ARG A 24 -3.54 5.48 3.40
CA ARG A 24 -3.41 4.14 2.86
C ARG A 24 -2.69 4.16 1.52
N ARG A 25 -1.58 4.91 1.47
CA ARG A 25 -0.79 5.01 0.25
C ARG A 25 -0.45 3.63 -0.31
N GLU A 26 -0.16 2.70 0.59
CA GLU A 26 0.18 1.33 0.18
C GLU A 26 -0.94 0.72 -0.66
N ALA A 27 -2.17 1.15 -0.39
CA ALA A 27 -3.33 0.65 -1.13
C ALA A 27 -3.31 1.15 -2.58
N TYR A 28 -2.49 2.15 -2.84
CA TYR A 28 -2.39 2.72 -4.19
C TYR A 28 -1.92 1.67 -5.19
N LEU A 29 -1.42 0.55 -4.67
CA LEU A 29 -0.93 -0.54 -5.51
C LEU A 29 -2.07 -1.46 -5.92
N SER A 30 -1.84 -2.27 -6.96
CA SER A 30 -2.84 -3.19 -7.45
C SER A 30 -3.05 -4.35 -6.47
N SER A 31 -4.25 -4.92 -6.48
CA SER A 31 -4.57 -6.02 -5.59
C SER A 31 -3.53 -7.13 -5.69
N GLU A 32 -2.91 -7.24 -6.87
CA GLU A 32 -1.90 -8.27 -7.10
C GLU A 32 -0.57 -7.87 -6.45
N GLU A 33 -0.05 -6.72 -6.85
CA GLU A 33 1.21 -6.22 -6.32
C GLU A 33 1.11 -5.98 -4.81
N PHE A 34 0.10 -5.21 -4.42
CA PHE A 34 -0.11 -4.90 -3.01
C PHE A 34 -0.09 -6.16 -2.16
N LYS A 35 -0.95 -7.11 -2.51
CA LYS A 35 -1.04 -8.37 -1.79
C LYS A 35 0.24 -9.19 -1.97
N GLU A 36 0.95 -8.94 -3.06
CA GLU A 36 2.18 -9.65 -3.35
C GLU A 36 3.32 -9.15 -2.47
N LYS A 37 3.22 -7.90 -2.04
CA LYS A 37 4.24 -7.29 -1.19
C LYS A 37 3.90 -7.49 0.29
N PHE A 38 2.61 -7.53 0.59
CA PHE A 38 2.15 -7.71 1.97
C PHE A 38 1.73 -9.15 2.21
N GLY A 39 1.62 -9.92 1.14
CA GLY A 39 1.22 -11.31 1.26
C GLY A 39 -0.23 -11.47 1.67
N MET A 40 -0.96 -10.35 1.70
CA MET A 40 -2.36 -10.37 2.08
C MET A 40 -3.19 -9.51 1.13
N THR A 41 -4.38 -10.01 0.78
CA THR A 41 -5.27 -9.29 -0.12
C THR A 41 -5.81 -8.03 0.53
N LYS A 42 -6.76 -7.38 -0.13
CA LYS A 42 -7.36 -6.16 0.38
C LYS A 42 -8.15 -6.43 1.66
N GLU A 43 -9.09 -7.37 1.57
CA GLU A 43 -9.91 -7.74 2.72
C GLU A 43 -9.08 -8.45 3.79
N ALA A 44 -8.04 -9.15 3.34
CA ALA A 44 -7.18 -9.88 4.26
C ALA A 44 -6.26 -8.92 5.03
N PHE A 45 -5.63 -8.00 4.31
CA PHE A 45 -4.73 -7.02 4.92
C PHE A 45 -5.51 -6.02 5.75
N TYR A 46 -6.48 -5.36 5.12
CA TYR A 46 -7.31 -4.37 5.80
C TYR A 46 -7.88 -4.93 7.10
N LYS A 47 -8.08 -6.24 7.12
CA LYS A 47 -8.63 -6.90 8.31
C LYS A 47 -7.74 -6.67 9.52
N LEU A 48 -6.43 -6.75 9.31
CA LEU A 48 -5.47 -6.54 10.39
C LEU A 48 -5.73 -5.22 11.11
N PRO A 49 -5.20 -5.10 12.34
CA PRO A 49 -5.37 -3.89 13.15
C PRO A 49 -4.60 -2.70 12.58
N LYS A 50 -4.84 -1.52 13.15
CA LYS A 50 -4.17 -0.31 12.71
C LYS A 50 -2.68 -0.38 13.00
N TRP A 51 -2.33 -0.77 14.22
CA TRP A 51 -0.93 -0.88 14.62
C TRP A 51 -0.17 -1.82 13.69
N LYS A 52 -0.79 -2.93 13.34
CA LYS A 52 -0.18 -3.91 12.46
C LYS A 52 -0.22 -3.44 11.00
N GLN A 53 -1.29 -2.74 10.65
CA GLN A 53 -1.45 -2.23 9.29
C GLN A 53 -0.35 -1.22 8.95
N ASN A 54 0.00 -0.40 9.93
CA ASN A 54 1.03 0.62 9.74
C ASN A 54 2.42 -0.02 9.75
N LYS A 55 2.55 -1.14 10.45
CA LYS A 55 3.82 -1.84 10.54
C LYS A 55 4.15 -2.53 9.22
N PHE A 56 3.22 -3.32 8.72
CA PHE A 56 3.42 -4.03 7.45
C PHE A 56 3.64 -3.05 6.31
N LYS A 57 2.88 -1.96 6.31
CA LYS A 57 3.00 -0.95 5.27
C LYS A 57 4.45 -0.60 5.01
N MET A 58 5.13 -0.08 6.03
CA MET A 58 6.53 0.29 5.91
C MET A 58 7.41 -0.95 5.71
N ALA A 59 6.94 -2.09 6.22
CA ALA A 59 7.68 -3.33 6.10
C ALA A 59 8.03 -3.63 4.64
N VAL A 60 7.08 -3.38 3.75
CA VAL A 60 7.29 -3.61 2.32
C VAL A 60 7.69 -2.33 1.61
N GLN A 61 8.09 -1.33 2.38
CA GLN A 61 8.50 -0.05 1.81
C GLN A 61 7.30 0.69 1.22
N LEU A 62 6.11 0.46 1.79
CA LEU A 62 4.91 1.10 1.31
C LEU A 62 4.20 1.85 2.44
N PHE A 63 4.46 3.14 2.54
CA PHE A 63 3.85 3.97 3.57
C PHE A 63 3.65 5.41 3.08
N LEU A 1 -9.92 6.19 -11.07
CA LEU A 1 -8.61 6.44 -11.64
C LEU A 1 -7.72 5.20 -11.51
N PRO A 2 -6.68 5.14 -12.35
CA PRO A 2 -5.73 4.02 -12.36
C PRO A 2 -4.85 4.00 -11.12
N ALA A 3 -4.23 2.85 -10.85
CA ALA A 3 -3.36 2.71 -9.69
C ALA A 3 -1.90 2.92 -10.06
N HIS A 4 -1.02 2.87 -9.08
CA HIS A 4 0.41 3.06 -9.30
C HIS A 4 1.19 1.80 -8.93
N PRO A 5 2.16 1.42 -9.78
CA PRO A 5 2.99 0.24 -9.56
C PRO A 5 3.95 0.42 -8.39
N TYR A 6 4.40 -0.69 -7.82
CA TYR A 6 5.32 -0.66 -6.69
C TYR A 6 6.68 -0.11 -7.11
N ASP A 7 7.06 -0.39 -8.37
CA ASP A 7 8.33 0.08 -8.89
C ASP A 7 8.42 1.61 -8.84
N ARG A 8 7.26 2.26 -8.89
CA ARG A 8 7.20 3.72 -8.85
C ARG A 8 6.84 4.21 -7.46
N LEU A 9 6.14 3.36 -6.70
CA LEU A 9 5.72 3.71 -5.34
C LEU A 9 6.81 3.34 -4.33
N LYS A 10 7.09 4.26 -3.41
CA LYS A 10 8.10 4.03 -2.39
C LYS A 10 7.56 4.35 -1.01
N THR A 11 8.31 3.98 0.02
CA THR A 11 7.90 4.22 1.40
C THR A 11 7.89 5.72 1.71
N THR A 12 8.90 6.42 1.23
CA THR A 12 9.01 7.86 1.46
C THR A 12 9.18 8.61 0.14
N SER A 13 8.39 8.23 -0.85
CA SER A 13 8.44 8.87 -2.16
C SER A 13 7.41 9.97 -2.27
N THR A 14 7.75 11.03 -3.01
CA THR A 14 6.84 12.16 -3.20
C THR A 14 6.23 12.15 -4.60
N ASP A 15 6.36 11.02 -5.29
CA ASP A 15 5.83 10.89 -6.64
C ASP A 15 4.36 11.29 -6.68
N PRO A 16 3.86 11.60 -7.90
CA PRO A 16 2.48 12.01 -8.10
C PRO A 16 1.49 10.87 -7.87
N VAL A 17 0.25 11.22 -7.53
CA VAL A 17 -0.79 10.22 -7.29
C VAL A 17 -2.12 10.65 -7.91
N SER A 18 -3.09 9.75 -7.88
CA SER A 18 -4.40 10.03 -8.43
C SER A 18 -5.31 10.68 -7.39
N ASP A 19 -4.71 11.11 -6.29
CA ASP A 19 -5.47 11.73 -5.21
C ASP A 19 -6.39 10.73 -4.52
N ILE A 20 -5.81 9.87 -3.71
CA ILE A 20 -6.58 8.86 -2.99
C ILE A 20 -6.24 8.87 -1.50
N ASP A 21 -6.73 7.86 -0.78
CA ASP A 21 -6.49 7.76 0.66
C ASP A 21 -5.01 7.98 0.97
N VAL A 22 -4.68 9.21 1.36
CA VAL A 22 -3.30 9.56 1.70
C VAL A 22 -2.79 8.72 2.85
N THR A 23 -3.69 8.35 3.77
CA THR A 23 -3.32 7.55 4.93
C THR A 23 -3.11 6.09 4.53
N ARG A 24 -3.61 5.72 3.36
CA ARG A 24 -3.47 4.35 2.87
C ARG A 24 -2.74 4.32 1.53
N ARG A 25 -1.65 5.09 1.44
CA ARG A 25 -0.87 5.15 0.22
C ARG A 25 -0.53 3.75 -0.29
N GLU A 26 -0.27 2.85 0.65
CA GLU A 26 0.08 1.47 0.29
C GLU A 26 -1.03 0.84 -0.56
N ALA A 27 -2.25 1.27 -0.35
CA ALA A 27 -3.40 0.75 -1.10
C ALA A 27 -3.37 1.24 -2.54
N TYR A 28 -2.55 2.24 -2.81
CA TYR A 28 -2.43 2.81 -4.15
C TYR A 28 -1.96 1.74 -5.14
N LEU A 29 -1.46 0.63 -4.62
CA LEU A 29 -0.98 -0.47 -5.45
C LEU A 29 -2.11 -1.39 -5.85
N SER A 30 -1.89 -2.19 -6.89
CA SER A 30 -2.90 -3.13 -7.38
C SER A 30 -3.08 -4.27 -6.40
N SER A 31 -4.28 -4.86 -6.41
CA SER A 31 -4.59 -5.97 -5.52
C SER A 31 -3.54 -7.07 -5.63
N GLU A 32 -2.94 -7.19 -6.81
CA GLU A 32 -1.92 -8.20 -7.05
C GLU A 32 -0.60 -7.79 -6.42
N GLU A 33 -0.08 -6.63 -6.81
CA GLU A 33 1.18 -6.14 -6.29
C GLU A 33 1.08 -5.91 -4.77
N PHE A 34 0.08 -5.15 -4.35
CA PHE A 34 -0.13 -4.87 -2.94
C PHE A 34 -0.09 -6.14 -2.11
N LYS A 35 -0.96 -7.09 -2.46
CA LYS A 35 -1.03 -8.36 -1.75
C LYS A 35 0.24 -9.18 -1.96
N GLU A 36 0.94 -8.90 -3.05
CA GLU A 36 2.17 -9.60 -3.37
C GLU A 36 3.32 -9.11 -2.50
N LYS A 37 3.22 -7.87 -2.04
CA LYS A 37 4.25 -7.27 -1.20
C LYS A 37 3.92 -7.48 0.28
N PHE A 38 2.64 -7.50 0.59
CA PHE A 38 2.19 -7.69 1.97
C PHE A 38 1.79 -9.14 2.22
N GLY A 39 1.59 -9.89 1.14
CA GLY A 39 1.20 -11.28 1.27
C GLY A 39 -0.26 -11.44 1.63
N MET A 40 -0.96 -10.32 1.76
CA MET A 40 -2.38 -10.34 2.11
C MET A 40 -3.18 -9.45 1.18
N THR A 41 -4.37 -9.90 0.80
CA THR A 41 -5.23 -9.13 -0.09
C THR A 41 -5.77 -7.88 0.61
N LYS A 42 -6.71 -7.21 -0.05
CA LYS A 42 -7.30 -5.99 0.51
C LYS A 42 -8.11 -6.31 1.76
N GLU A 43 -9.05 -7.25 1.63
CA GLU A 43 -9.90 -7.64 2.75
C GLU A 43 -9.08 -8.39 3.81
N ALA A 44 -8.04 -9.08 3.36
CA ALA A 44 -7.18 -9.83 4.27
C ALA A 44 -6.27 -8.89 5.06
N PHE A 45 -5.62 -7.98 4.36
CA PHE A 45 -4.71 -7.03 5.01
C PHE A 45 -5.49 -6.04 5.87
N TYR A 46 -6.46 -5.36 5.27
CA TYR A 46 -7.27 -4.39 5.99
C TYR A 46 -7.85 -4.99 7.26
N LYS A 47 -8.06 -6.30 7.24
CA LYS A 47 -8.61 -7.01 8.40
C LYS A 47 -7.73 -6.80 9.63
N LEU A 48 -6.42 -6.92 9.44
CA LEU A 48 -5.47 -6.73 10.53
C LEU A 48 -5.71 -5.42 11.25
N PRO A 49 -5.15 -5.30 12.47
CA PRO A 49 -5.31 -4.10 13.30
C PRO A 49 -4.54 -2.90 12.72
N LYS A 50 -4.78 -1.73 13.28
CA LYS A 50 -4.11 -0.51 12.83
C LYS A 50 -2.62 -0.57 13.12
N TRP A 51 -2.28 -0.96 14.33
CA TRP A 51 -0.87 -1.06 14.74
C TRP A 51 -0.10 -1.98 13.81
N LYS A 52 -0.72 -3.11 13.45
CA LYS A 52 -0.10 -4.08 12.56
C LYS A 52 -0.15 -3.60 11.11
N GLN A 53 -1.23 -2.93 10.75
CA GLN A 53 -1.41 -2.42 9.40
C GLN A 53 -0.32 -1.40 9.06
N ASN A 54 0.03 -0.57 10.03
CA ASN A 54 1.06 0.45 9.83
C ASN A 54 2.45 -0.18 9.83
N LYS A 55 2.60 -1.30 10.54
CA LYS A 55 3.88 -2.00 10.62
C LYS A 55 4.22 -2.65 9.29
N PHE A 56 3.29 -3.46 8.77
CA PHE A 56 3.51 -4.14 7.50
C PHE A 56 3.72 -3.15 6.37
N LYS A 57 3.01 -2.02 6.43
CA LYS A 57 3.13 -0.99 5.41
C LYS A 57 4.59 -0.67 5.12
N MET A 58 5.30 -0.19 6.14
CA MET A 58 6.70 0.15 5.99
C MET A 58 7.54 -1.10 5.74
N ALA A 59 7.06 -2.23 6.23
CA ALA A 59 7.77 -3.50 6.06
C ALA A 59 8.07 -3.76 4.58
N VAL A 60 7.10 -3.47 3.72
CA VAL A 60 7.27 -3.67 2.29
C VAL A 60 7.68 -2.37 1.59
N GLN A 61 8.09 -1.39 2.38
CA GLN A 61 8.50 -0.10 1.84
C GLN A 61 7.31 0.67 1.29
N LEU A 62 6.14 0.41 1.86
CA LEU A 62 4.91 1.09 1.42
C LEU A 62 4.23 1.79 2.59
N PHE A 63 4.51 3.08 2.75
CA PHE A 63 3.92 3.86 3.83
C PHE A 63 3.64 5.29 3.37
N LEU A 1 -10.70 2.34 -9.34
CA LEU A 1 -9.86 3.54 -9.43
C LEU A 1 -8.46 3.19 -9.92
N PRO A 2 -7.75 4.20 -10.43
CA PRO A 2 -6.39 4.02 -10.95
C PRO A 2 -5.39 3.73 -9.83
N ALA A 3 -4.45 2.82 -10.10
CA ALA A 3 -3.43 2.45 -9.13
C ALA A 3 -2.03 2.67 -9.70
N HIS A 4 -1.04 2.68 -8.81
CA HIS A 4 0.34 2.88 -9.23
C HIS A 4 1.19 1.65 -8.90
N PRO A 5 2.18 1.36 -9.75
CA PRO A 5 3.08 0.21 -9.58
C PRO A 5 4.03 0.40 -8.40
N TYR A 6 4.46 -0.71 -7.82
CA TYR A 6 5.38 -0.67 -6.68
C TYR A 6 6.74 -0.13 -7.10
N ASP A 7 7.13 -0.40 -8.33
CA ASP A 7 8.41 0.06 -8.85
C ASP A 7 8.50 1.57 -8.81
N ARG A 8 7.35 2.24 -8.86
CA ARG A 8 7.30 3.69 -8.83
C ARG A 8 6.93 4.19 -7.43
N LEU A 9 6.18 3.38 -6.70
CA LEU A 9 5.76 3.73 -5.35
C LEU A 9 6.81 3.34 -4.32
N LYS A 10 7.12 4.25 -3.41
CA LYS A 10 8.12 4.00 -2.38
C LYS A 10 7.55 4.32 -0.99
N THR A 11 8.32 4.00 0.04
CA THR A 11 7.90 4.26 1.41
C THR A 11 7.87 5.75 1.71
N THR A 12 8.87 6.47 1.22
CA THR A 12 8.97 7.92 1.43
C THR A 12 9.16 8.65 0.11
N SER A 13 8.42 8.25 -0.91
CA SER A 13 8.52 8.87 -2.22
C SER A 13 7.45 9.94 -2.41
N THR A 14 7.82 11.02 -3.07
CA THR A 14 6.89 12.12 -3.31
C THR A 14 6.30 12.06 -4.72
N ASP A 15 6.41 10.88 -5.34
CA ASP A 15 5.89 10.68 -6.68
C ASP A 15 4.42 11.11 -6.77
N PRO A 16 3.95 11.36 -7.99
CA PRO A 16 2.56 11.78 -8.25
C PRO A 16 1.56 10.66 -7.98
N VAL A 17 0.33 11.03 -7.65
CA VAL A 17 -0.72 10.07 -7.38
C VAL A 17 -2.04 10.50 -8.00
N SER A 18 -3.03 9.61 -7.95
CA SER A 18 -4.34 9.88 -8.52
C SER A 18 -5.25 10.56 -7.50
N ASP A 19 -4.66 10.99 -6.39
CA ASP A 19 -5.41 11.65 -5.33
C ASP A 19 -6.37 10.68 -4.64
N ILE A 20 -5.80 9.71 -3.92
CA ILE A 20 -6.60 8.72 -3.22
C ILE A 20 -6.32 8.74 -1.72
N ASP A 21 -6.82 7.74 -1.02
CA ASP A 21 -6.62 7.62 0.42
C ASP A 21 -5.16 7.88 0.78
N VAL A 22 -4.86 9.10 1.21
CA VAL A 22 -3.50 9.46 1.59
C VAL A 22 -2.98 8.56 2.72
N THR A 23 -3.82 8.35 3.72
CA THR A 23 -3.44 7.51 4.86
C THR A 23 -3.25 6.06 4.43
N ARG A 24 -3.76 5.72 3.25
CA ARG A 24 -3.64 4.37 2.73
C ARG A 24 -2.87 4.36 1.42
N ARG A 25 -1.78 5.12 1.36
CA ARG A 25 -0.96 5.20 0.16
C ARG A 25 -0.59 3.80 -0.33
N GLU A 26 -0.31 2.91 0.61
CA GLU A 26 0.07 1.54 0.26
C GLU A 26 -1.01 0.88 -0.59
N ALA A 27 -2.26 1.29 -0.38
CA ALA A 27 -3.38 0.74 -1.13
C ALA A 27 -3.36 1.21 -2.57
N TYR A 28 -2.55 2.22 -2.85
CA TYR A 28 -2.44 2.76 -4.20
C TYR A 28 -1.95 1.71 -5.18
N LEU A 29 -1.43 0.60 -4.64
CA LEU A 29 -0.93 -0.49 -5.47
C LEU A 29 -2.06 -1.44 -5.86
N SER A 30 -1.86 -2.17 -6.95
CA SER A 30 -2.86 -3.12 -7.43
C SER A 30 -3.06 -4.25 -6.43
N SER A 31 -4.26 -4.84 -6.45
CA SER A 31 -4.59 -5.93 -5.54
C SER A 31 -3.55 -7.04 -5.62
N GLU A 32 -2.94 -7.19 -6.80
CA GLU A 32 -1.93 -8.21 -7.01
C GLU A 32 -0.60 -7.80 -6.38
N GLU A 33 -0.08 -6.65 -6.80
CA GLU A 33 1.18 -6.14 -6.28
C GLU A 33 1.10 -5.90 -4.77
N PHE A 34 0.10 -5.13 -4.36
CA PHE A 34 -0.10 -4.82 -2.95
C PHE A 34 -0.09 -6.09 -2.12
N LYS A 35 -0.96 -7.02 -2.45
CA LYS A 35 -1.04 -8.29 -1.72
C LYS A 35 0.22 -9.12 -1.92
N GLU A 36 0.92 -8.86 -3.02
CA GLU A 36 2.16 -9.58 -3.31
C GLU A 36 3.31 -9.08 -2.45
N LYS A 37 3.21 -7.83 -2.01
CA LYS A 37 4.24 -7.23 -1.18
C LYS A 37 3.92 -7.40 0.31
N PHE A 38 2.62 -7.43 0.62
CA PHE A 38 2.19 -7.60 2.01
C PHE A 38 1.79 -9.04 2.28
N GLY A 39 1.44 -9.76 1.22
CA GLY A 39 1.04 -11.15 1.36
C GLY A 39 -0.45 -11.32 1.61
N MET A 40 -1.12 -10.20 1.83
CA MET A 40 -2.57 -10.21 2.08
C MET A 40 -3.30 -9.34 1.09
N THR A 41 -4.47 -9.80 0.64
CA THR A 41 -5.27 -9.05 -0.31
C THR A 41 -5.64 -7.68 0.23
N LYS A 42 -6.24 -6.85 -0.62
CA LYS A 42 -6.64 -5.51 -0.23
C LYS A 42 -7.53 -5.54 1.02
N GLU A 43 -8.60 -6.32 0.95
CA GLU A 43 -9.53 -6.43 2.06
C GLU A 43 -8.94 -7.32 3.17
N ALA A 44 -8.34 -8.43 2.76
CA ALA A 44 -7.73 -9.37 3.71
C ALA A 44 -6.72 -8.66 4.61
N PHE A 45 -5.93 -7.77 4.01
CA PHE A 45 -4.92 -7.03 4.76
C PHE A 45 -5.57 -6.14 5.81
N TYR A 46 -6.63 -5.44 5.43
CA TYR A 46 -7.35 -4.56 6.34
C TYR A 46 -7.83 -5.32 7.57
N LYS A 47 -7.96 -6.64 7.43
CA LYS A 47 -8.40 -7.48 8.53
C LYS A 47 -7.50 -7.31 9.75
N LEU A 48 -6.23 -7.06 9.50
CA LEU A 48 -5.26 -6.88 10.58
C LEU A 48 -5.54 -5.59 11.35
N PRO A 49 -4.97 -5.49 12.57
CA PRO A 49 -5.14 -4.32 13.42
C PRO A 49 -4.43 -3.09 12.88
N LYS A 50 -4.67 -1.94 13.50
CA LYS A 50 -4.05 -0.69 13.08
C LYS A 50 -2.55 -0.72 13.32
N TRP A 51 -2.17 -1.15 14.53
CA TRP A 51 -0.75 -1.23 14.90
C TRP A 51 0.02 -2.11 13.92
N LYS A 52 -0.57 -3.25 13.56
CA LYS A 52 0.05 -4.18 12.63
C LYS A 52 -0.06 -3.68 11.20
N GLN A 53 -1.16 -2.99 10.90
CA GLN A 53 -1.39 -2.46 9.56
C GLN A 53 -0.33 -1.42 9.20
N ASN A 54 0.04 -0.59 10.18
CA ASN A 54 1.03 0.45 9.96
C ASN A 54 2.44 -0.15 9.92
N LYS A 55 2.61 -1.28 10.60
CA LYS A 55 3.91 -1.95 10.64
C LYS A 55 4.24 -2.59 9.29
N PHE A 56 3.32 -3.40 8.79
CA PHE A 56 3.50 -4.08 7.51
C PHE A 56 3.71 -3.06 6.40
N LYS A 57 2.99 -1.95 6.47
CA LYS A 57 3.11 -0.89 5.47
C LYS A 57 4.56 -0.57 5.17
N MET A 58 5.28 -0.11 6.19
CA MET A 58 6.69 0.23 6.03
C MET A 58 7.52 -1.03 5.78
N ALA A 59 7.05 -2.16 6.28
CA ALA A 59 7.76 -3.42 6.11
C ALA A 59 8.06 -3.69 4.63
N VAL A 60 7.09 -3.39 3.78
CA VAL A 60 7.25 -3.60 2.35
C VAL A 60 7.66 -2.31 1.64
N GLN A 61 8.08 -1.33 2.43
CA GLN A 61 8.51 -0.05 1.88
C GLN A 61 7.32 0.72 1.33
N LEU A 62 6.14 0.48 1.89
CA LEU A 62 4.93 1.15 1.45
C LEU A 62 4.24 1.86 2.60
N PHE A 63 4.51 3.15 2.76
CA PHE A 63 3.92 3.94 3.83
C PHE A 63 3.66 5.38 3.37
N LEU A 1 -10.63 5.42 -9.08
CA LEU A 1 -9.35 6.00 -9.48
C LEU A 1 -8.35 4.90 -9.82
N PRO A 2 -7.36 5.23 -10.67
CA PRO A 2 -6.32 4.29 -11.08
C PRO A 2 -5.36 3.95 -9.94
N ALA A 3 -4.43 3.04 -10.21
CA ALA A 3 -3.45 2.63 -9.21
C ALA A 3 -2.02 2.84 -9.72
N HIS A 4 -1.06 2.80 -8.81
CA HIS A 4 0.34 2.99 -9.18
C HIS A 4 1.15 1.72 -8.86
N PRO A 5 2.15 1.44 -9.70
CA PRO A 5 3.02 0.28 -9.53
C PRO A 5 3.95 0.40 -8.32
N TYR A 6 4.44 -0.73 -7.83
CA TYR A 6 5.32 -0.73 -6.67
C TYR A 6 6.67 -0.09 -7.01
N ASP A 7 7.10 -0.28 -8.25
CA ASP A 7 8.37 0.28 -8.71
C ASP A 7 8.35 1.80 -8.62
N ARG A 8 7.16 2.38 -8.72
CA ARG A 8 7.01 3.83 -8.65
C ARG A 8 6.69 4.28 -7.23
N LEU A 9 6.19 3.35 -6.42
CA LEU A 9 5.84 3.65 -5.04
C LEU A 9 7.01 3.36 -4.11
N LYS A 10 7.31 4.30 -3.21
CA LYS A 10 8.39 4.14 -2.25
C LYS A 10 7.93 4.44 -0.84
N THR A 11 8.56 3.80 0.14
CA THR A 11 8.20 3.99 1.55
C THR A 11 8.15 5.47 1.89
N THR A 12 9.09 6.24 1.36
CA THR A 12 9.15 7.68 1.61
C THR A 12 9.23 8.46 0.31
N SER A 13 8.45 8.05 -0.68
CA SER A 13 8.42 8.72 -1.97
C SER A 13 7.55 9.96 -1.93
N THR A 14 7.79 10.87 -2.88
CA THR A 14 7.01 12.11 -2.95
C THR A 14 6.34 12.25 -4.31
N ASP A 15 6.49 11.24 -5.15
CA ASP A 15 5.90 11.25 -6.48
C ASP A 15 4.41 11.57 -6.41
N PRO A 16 3.85 12.02 -7.54
CA PRO A 16 2.42 12.37 -7.64
C PRO A 16 1.52 11.15 -7.54
N VAL A 17 0.24 11.39 -7.25
CA VAL A 17 -0.73 10.31 -7.13
C VAL A 17 -2.05 10.69 -7.81
N SER A 18 -2.97 9.72 -7.88
CA SER A 18 -4.26 9.94 -8.50
C SER A 18 -5.26 10.49 -7.49
N ASP A 19 -4.76 10.92 -6.34
CA ASP A 19 -5.61 11.47 -5.28
C ASP A 19 -6.50 10.37 -4.69
N ILE A 20 -5.94 9.62 -3.74
CA ILE A 20 -6.69 8.55 -3.08
C ILE A 20 -6.37 8.50 -1.59
N ASP A 21 -6.84 7.45 -0.94
CA ASP A 21 -6.60 7.28 0.49
C ASP A 21 -5.14 7.55 0.85
N VAL A 22 -4.88 8.77 1.30
CA VAL A 22 -3.52 9.16 1.68
C VAL A 22 -2.98 8.29 2.80
N THR A 23 -3.82 8.03 3.80
CA THR A 23 -3.44 7.20 4.93
C THR A 23 -3.16 5.77 4.51
N ARG A 24 -3.64 5.41 3.32
CA ARG A 24 -3.44 4.06 2.78
C ARG A 24 -2.73 4.11 1.44
N ARG A 25 -1.66 4.88 1.37
CA ARG A 25 -0.89 5.01 0.14
C ARG A 25 -0.53 3.64 -0.42
N GLU A 26 -0.18 2.72 0.48
CA GLU A 26 0.19 1.37 0.07
C GLU A 26 -0.92 0.72 -0.75
N ALA A 27 -2.15 1.10 -0.47
CA ALA A 27 -3.31 0.56 -1.18
C ALA A 27 -3.34 1.04 -2.62
N TYR A 28 -2.53 2.05 -2.92
CA TYR A 28 -2.46 2.61 -4.26
C TYR A 28 -1.97 1.57 -5.26
N LEU A 29 -1.45 0.47 -4.75
CA LEU A 29 -0.94 -0.61 -5.60
C LEU A 29 -2.07 -1.56 -6.00
N SER A 30 -1.83 -2.34 -7.06
CA SER A 30 -2.82 -3.29 -7.55
C SER A 30 -3.05 -4.42 -6.55
N SER A 31 -4.26 -4.97 -6.55
CA SER A 31 -4.59 -6.06 -5.64
C SER A 31 -3.56 -7.18 -5.72
N GLU A 32 -2.94 -7.33 -6.88
CA GLU A 32 -1.93 -8.35 -7.08
C GLU A 32 -0.61 -7.95 -6.45
N GLU A 33 -0.07 -6.82 -6.87
CA GLU A 33 1.20 -6.32 -6.34
C GLU A 33 1.10 -6.06 -4.84
N PHE A 34 0.10 -5.28 -4.45
CA PHE A 34 -0.11 -4.95 -3.05
C PHE A 34 -0.10 -6.22 -2.19
N LYS A 35 -0.98 -7.16 -2.53
CA LYS A 35 -1.07 -8.41 -1.79
C LYS A 35 0.20 -9.24 -1.96
N GLU A 36 0.91 -9.00 -3.05
CA GLU A 36 2.14 -9.73 -3.34
C GLU A 36 3.29 -9.21 -2.46
N LYS A 37 3.19 -7.96 -2.05
CA LYS A 37 4.22 -7.35 -1.21
C LYS A 37 3.88 -7.51 0.27
N PHE A 38 2.58 -7.53 0.58
CA PHE A 38 2.13 -7.67 1.95
C PHE A 38 1.70 -9.11 2.23
N GLY A 39 1.50 -9.88 1.17
CA GLY A 39 1.09 -11.26 1.32
C GLY A 39 -0.38 -11.39 1.68
N MET A 40 -1.07 -10.26 1.78
CA MET A 40 -2.48 -10.26 2.13
C MET A 40 -3.27 -9.39 1.15
N THR A 41 -4.47 -9.86 0.78
CA THR A 41 -5.32 -9.12 -0.14
C THR A 41 -5.82 -7.83 0.48
N LYS A 42 -6.72 -7.14 -0.21
CA LYS A 42 -7.27 -5.88 0.28
C LYS A 42 -8.10 -6.11 1.54
N GLU A 43 -9.02 -7.06 1.48
CA GLU A 43 -9.88 -7.37 2.61
C GLU A 43 -9.10 -8.11 3.70
N ALA A 44 -8.09 -8.88 3.28
CA ALA A 44 -7.27 -9.64 4.21
C ALA A 44 -6.34 -8.72 4.99
N PHE A 45 -5.59 -7.89 4.27
CA PHE A 45 -4.66 -6.96 4.89
C PHE A 45 -5.39 -5.99 5.82
N TYR A 46 -6.37 -5.29 5.27
CA TYR A 46 -7.14 -4.32 6.05
C TYR A 46 -7.74 -4.99 7.28
N LYS A 47 -7.93 -6.30 7.22
CA LYS A 47 -8.50 -7.05 8.33
C LYS A 47 -7.65 -6.87 9.59
N LEU A 48 -6.35 -6.66 9.40
CA LEU A 48 -5.44 -6.48 10.52
C LEU A 48 -5.69 -5.14 11.22
N PRO A 49 -5.15 -4.99 12.44
CA PRO A 49 -5.30 -3.77 13.22
C PRO A 49 -4.54 -2.59 12.63
N LYS A 50 -4.76 -1.40 13.19
CA LYS A 50 -4.09 -0.20 12.72
C LYS A 50 -2.59 -0.26 12.99
N TRP A 51 -2.24 -0.63 14.21
CA TRP A 51 -0.84 -0.75 14.61
C TRP A 51 -0.09 -1.70 13.69
N LYS A 52 -0.71 -2.83 13.38
CA LYS A 52 -0.09 -3.82 12.52
C LYS A 52 -0.18 -3.41 11.06
N GLN A 53 -1.24 -2.68 10.71
CA GLN A 53 -1.44 -2.21 9.35
C GLN A 53 -0.36 -1.22 8.95
N ASN A 54 0.01 -0.35 9.90
CA ASN A 54 1.04 0.66 9.64
C ASN A 54 2.44 0.03 9.64
N LYS A 55 2.58 -1.07 10.38
CA LYS A 55 3.86 -1.77 10.46
C LYS A 55 4.19 -2.45 9.14
N PHE A 56 3.26 -3.27 8.66
CA PHE A 56 3.45 -3.99 7.41
C PHE A 56 3.68 -3.01 6.25
N LYS A 57 2.95 -1.90 6.27
CA LYS A 57 3.09 -0.89 5.23
C LYS A 57 4.55 -0.59 4.94
N MET A 58 5.26 -0.10 5.95
CA MET A 58 6.67 0.24 5.80
C MET A 58 7.51 -1.02 5.61
N ALA A 59 7.02 -2.15 6.14
CA ALA A 59 7.72 -3.41 6.02
C ALA A 59 8.04 -3.73 4.57
N VAL A 60 7.09 -3.47 3.68
CA VAL A 60 7.27 -3.73 2.26
C VAL A 60 7.71 -2.47 1.52
N GLN A 61 8.14 -1.47 2.28
CA GLN A 61 8.58 -0.21 1.70
C GLN A 61 7.41 0.57 1.10
N LEU A 62 6.23 0.38 1.67
CA LEU A 62 5.02 1.05 1.20
C LEU A 62 4.36 1.84 2.32
N PHE A 63 4.67 3.13 2.40
CA PHE A 63 4.10 3.99 3.43
C PHE A 63 3.98 5.43 2.92
N LEU A 1 -10.62 2.18 -9.82
CA LEU A 1 -9.86 3.42 -9.70
C LEU A 1 -8.42 3.21 -10.17
N PRO A 2 -7.75 4.32 -10.49
CA PRO A 2 -6.36 4.29 -10.96
C PRO A 2 -5.39 3.91 -9.85
N ALA A 3 -4.43 3.05 -10.17
CA ALA A 3 -3.43 2.60 -9.21
C ALA A 3 -2.02 2.80 -9.75
N HIS A 4 -1.03 2.76 -8.85
CA HIS A 4 0.36 2.92 -9.23
C HIS A 4 1.17 1.68 -8.90
N PRO A 5 2.18 1.38 -9.73
CA PRO A 5 3.04 0.22 -9.55
C PRO A 5 3.96 0.37 -8.34
N TYR A 6 4.45 -0.76 -7.83
CA TYR A 6 5.32 -0.76 -6.67
C TYR A 6 6.68 -0.13 -7.01
N ASP A 7 7.11 -0.33 -8.25
CA ASP A 7 8.38 0.23 -8.71
C ASP A 7 8.37 1.75 -8.63
N ARG A 8 7.18 2.35 -8.72
CA ARG A 8 7.03 3.78 -8.66
C ARG A 8 6.70 4.25 -7.25
N LEU A 9 6.21 3.32 -6.43
CA LEU A 9 5.85 3.62 -5.05
C LEU A 9 7.01 3.33 -4.11
N LYS A 10 7.29 4.27 -3.20
CA LYS A 10 8.37 4.12 -2.24
C LYS A 10 7.88 4.40 -0.82
N THR A 11 8.52 3.78 0.15
CA THR A 11 8.15 3.96 1.55
C THR A 11 8.04 5.45 1.89
N THR A 12 8.97 6.25 1.38
CA THR A 12 8.98 7.68 1.63
C THR A 12 9.07 8.47 0.34
N SER A 13 8.29 8.04 -0.66
CA SER A 13 8.28 8.71 -1.97
C SER A 13 7.33 9.90 -1.96
N THR A 14 7.63 10.89 -2.79
CA THR A 14 6.80 12.08 -2.88
C THR A 14 6.20 12.23 -4.28
N ASP A 15 6.39 11.21 -5.10
CA ASP A 15 5.86 11.22 -6.47
C ASP A 15 4.37 11.56 -6.46
N PRO A 16 3.86 11.97 -7.63
CA PRO A 16 2.44 12.33 -7.80
C PRO A 16 1.53 11.11 -7.71
N VAL A 17 0.25 11.36 -7.40
CA VAL A 17 -0.73 10.29 -7.29
C VAL A 17 -2.05 10.68 -7.95
N SER A 18 -2.97 9.73 -8.02
CA SER A 18 -4.27 9.97 -8.63
C SER A 18 -5.25 10.54 -7.62
N ASP A 19 -4.72 10.97 -6.47
CA ASP A 19 -5.55 11.55 -5.41
C ASP A 19 -6.43 10.48 -4.77
N ILE A 20 -5.81 9.66 -3.92
CA ILE A 20 -6.55 8.60 -3.23
C ILE A 20 -6.24 8.60 -1.75
N ASP A 21 -6.72 7.57 -1.05
CA ASP A 21 -6.49 7.44 0.38
C ASP A 21 -5.03 7.70 0.73
N VAL A 22 -4.73 8.92 1.16
CA VAL A 22 -3.37 9.29 1.52
C VAL A 22 -2.85 8.42 2.67
N THR A 23 -3.70 8.20 3.66
CA THR A 23 -3.32 7.38 4.81
C THR A 23 -3.07 5.93 4.40
N ARG A 24 -3.57 5.56 3.23
CA ARG A 24 -3.40 4.20 2.72
C ARG A 24 -2.67 4.21 1.38
N ARG A 25 -1.59 4.97 1.30
CA ARG A 25 -0.81 5.07 0.07
C ARG A 25 -0.47 3.68 -0.47
N GLU A 26 -0.16 2.76 0.44
CA GLU A 26 0.20 1.39 0.05
C GLU A 26 -0.92 0.75 -0.75
N ALA A 27 -2.15 1.17 -0.49
CA ALA A 27 -3.31 0.63 -1.20
C ALA A 27 -3.33 1.10 -2.65
N TYR A 28 -2.50 2.09 -2.95
CA TYR A 28 -2.42 2.63 -4.31
C TYR A 28 -1.95 1.57 -5.29
N LEU A 29 -1.43 0.47 -4.75
CA LEU A 29 -0.94 -0.63 -5.59
C LEU A 29 -2.08 -1.56 -5.98
N SER A 30 -1.85 -2.36 -7.02
CA SER A 30 -2.87 -3.30 -7.49
C SER A 30 -3.08 -4.42 -6.49
N SER A 31 -4.29 -4.97 -6.48
CA SER A 31 -4.63 -6.05 -5.55
C SER A 31 -3.60 -7.18 -5.63
N GLU A 32 -2.99 -7.33 -6.80
CA GLU A 32 -1.99 -8.37 -7.01
C GLU A 32 -0.66 -7.98 -6.38
N GLU A 33 -0.11 -6.84 -6.81
CA GLU A 33 1.16 -6.35 -6.29
C GLU A 33 1.06 -6.07 -4.80
N PHE A 34 0.06 -5.28 -4.41
CA PHE A 34 -0.14 -4.93 -3.01
C PHE A 34 -0.14 -6.18 -2.13
N LYS A 35 -1.02 -7.12 -2.46
CA LYS A 35 -1.13 -8.37 -1.71
C LYS A 35 0.14 -9.21 -1.88
N GLU A 36 0.85 -8.99 -2.98
CA GLU A 36 2.08 -9.73 -3.25
C GLU A 36 3.22 -9.22 -2.38
N LYS A 37 3.12 -7.96 -1.97
CA LYS A 37 4.16 -7.35 -1.14
C LYS A 37 3.82 -7.49 0.34
N PHE A 38 2.53 -7.49 0.65
CA PHE A 38 2.07 -7.62 2.03
C PHE A 38 1.66 -9.05 2.33
N GLY A 39 1.37 -9.81 1.27
CA GLY A 39 0.95 -11.19 1.45
C GLY A 39 -0.53 -11.32 1.69
N MET A 40 -1.20 -10.19 1.89
CA MET A 40 -2.64 -10.18 2.14
C MET A 40 -3.36 -9.28 1.14
N THR A 41 -4.52 -9.73 0.68
CA THR A 41 -5.31 -8.97 -0.27
C THR A 41 -5.70 -7.61 0.29
N LYS A 42 -6.32 -6.78 -0.55
CA LYS A 42 -6.76 -5.45 -0.13
C LYS A 42 -7.63 -5.53 1.12
N GLU A 43 -8.67 -6.35 1.05
CA GLU A 43 -9.58 -6.52 2.18
C GLU A 43 -8.95 -7.38 3.27
N ALA A 44 -8.36 -8.50 2.86
CA ALA A 44 -7.72 -9.40 3.81
C ALA A 44 -6.70 -8.66 4.68
N PHE A 45 -5.96 -7.75 4.06
CA PHE A 45 -4.95 -6.98 4.78
C PHE A 45 -5.59 -6.12 5.86
N TYR A 46 -6.69 -5.46 5.51
CA TYR A 46 -7.41 -4.60 6.44
C TYR A 46 -7.81 -5.38 7.70
N LYS A 47 -7.87 -6.70 7.57
CA LYS A 47 -8.24 -7.55 8.70
C LYS A 47 -7.31 -7.32 9.89
N LEU A 48 -6.02 -7.16 9.60
CA LEU A 48 -5.03 -6.93 10.65
C LEU A 48 -5.36 -5.67 11.44
N PRO A 49 -4.75 -5.54 12.63
CA PRO A 49 -4.95 -4.38 13.51
C PRO A 49 -4.35 -3.10 12.94
N LYS A 50 -4.66 -1.98 13.57
CA LYS A 50 -4.14 -0.69 13.13
C LYS A 50 -2.63 -0.60 13.33
N TRP A 51 -2.17 -1.02 14.51
CA TRP A 51 -0.75 -1.00 14.83
C TRP A 51 0.05 -1.81 13.81
N LYS A 52 -0.48 -2.98 13.47
CA LYS A 52 0.19 -3.86 12.50
C LYS A 52 -0.02 -3.35 11.08
N GLN A 53 -1.19 -2.77 10.82
CA GLN A 53 -1.51 -2.25 9.50
C GLN A 53 -0.48 -1.21 9.07
N ASN A 54 -0.11 -0.34 10.00
CA ASN A 54 0.87 0.72 9.71
C ASN A 54 2.28 0.15 9.66
N LYS A 55 2.51 -0.93 10.40
CA LYS A 55 3.81 -1.58 10.44
C LYS A 55 4.12 -2.28 9.12
N PHE A 56 3.20 -3.14 8.68
CA PHE A 56 3.37 -3.88 7.43
C PHE A 56 3.62 -2.92 6.27
N LYS A 57 2.91 -1.80 6.27
CA LYS A 57 3.04 -0.81 5.21
C LYS A 57 4.52 -0.51 4.93
N MET A 58 5.22 -0.02 5.95
CA MET A 58 6.63 0.30 5.81
C MET A 58 7.47 -0.96 5.64
N ALA A 59 6.96 -2.07 6.17
CA ALA A 59 7.65 -3.34 6.07
C ALA A 59 7.98 -3.68 4.62
N VAL A 60 7.04 -3.42 3.72
CA VAL A 60 7.23 -3.70 2.31
C VAL A 60 7.67 -2.44 1.56
N GLN A 61 8.10 -1.43 2.31
CA GLN A 61 8.54 -0.18 1.72
C GLN A 61 7.37 0.59 1.11
N LEU A 62 6.19 0.42 1.68
CA LEU A 62 5.00 1.08 1.18
C LEU A 62 4.31 1.87 2.29
N PHE A 63 4.63 3.17 2.37
CA PHE A 63 4.05 4.04 3.39
C PHE A 63 3.92 5.46 2.87
N LEU A 1 -10.65 2.06 -9.77
CA LEU A 1 -9.92 3.31 -9.63
C LEU A 1 -8.47 3.14 -10.10
N PRO A 2 -7.82 4.28 -10.40
CA PRO A 2 -6.43 4.29 -10.85
C PRO A 2 -5.45 3.90 -9.74
N ALA A 3 -4.50 3.04 -10.08
CA ALA A 3 -3.49 2.58 -9.12
C ALA A 3 -2.08 2.80 -9.66
N HIS A 4 -1.11 2.75 -8.76
CA HIS A 4 0.30 2.93 -9.15
C HIS A 4 1.11 1.68 -8.83
N PRO A 5 2.12 1.41 -9.67
CA PRO A 5 3.00 0.25 -9.51
C PRO A 5 3.91 0.38 -8.30
N TYR A 6 4.42 -0.75 -7.82
CA TYR A 6 5.31 -0.76 -6.66
C TYR A 6 6.64 -0.09 -6.99
N ASP A 7 7.07 -0.24 -8.23
CA ASP A 7 8.33 0.35 -8.67
C ASP A 7 8.29 1.87 -8.57
N ARG A 8 7.08 2.43 -8.66
CA ARG A 8 6.89 3.86 -8.58
C ARG A 8 6.62 4.30 -7.15
N LEU A 9 6.11 3.38 -6.35
CA LEU A 9 5.79 3.67 -4.95
C LEU A 9 6.99 3.36 -4.05
N LYS A 10 7.30 4.29 -3.15
CA LYS A 10 8.42 4.13 -2.24
C LYS A 10 7.99 4.42 -0.80
N THR A 11 8.63 3.75 0.15
CA THR A 11 8.31 3.95 1.56
C THR A 11 8.29 5.42 1.93
N THR A 12 9.24 6.17 1.40
CA THR A 12 9.33 7.60 1.65
C THR A 12 9.36 8.41 0.36
N SER A 13 8.49 8.03 -0.57
CA SER A 13 8.41 8.71 -1.86
C SER A 13 7.48 9.92 -1.78
N THR A 14 7.65 10.85 -2.72
CA THR A 14 6.82 12.05 -2.75
C THR A 14 6.16 12.23 -4.12
N ASP A 15 6.34 11.24 -4.99
CA ASP A 15 5.76 11.28 -6.32
C ASP A 15 4.26 11.58 -6.25
N PRO A 16 3.70 12.04 -7.38
CA PRO A 16 2.27 12.37 -7.48
C PRO A 16 1.38 11.14 -7.42
N VAL A 17 0.10 11.35 -7.15
CA VAL A 17 -0.86 10.25 -7.06
C VAL A 17 -2.17 10.62 -7.74
N SER A 18 -3.07 9.65 -7.83
CA SER A 18 -4.37 9.86 -8.46
C SER A 18 -5.38 10.41 -7.46
N ASP A 19 -4.88 10.84 -6.30
CA ASP A 19 -5.73 11.39 -5.25
C ASP A 19 -6.59 10.30 -4.63
N ILE A 20 -5.99 9.47 -3.79
CA ILE A 20 -6.70 8.39 -3.14
C ILE A 20 -6.40 8.36 -1.63
N ASP A 21 -6.85 7.31 -0.96
CA ASP A 21 -6.63 7.17 0.47
C ASP A 21 -5.19 7.47 0.84
N VAL A 22 -4.94 8.69 1.28
CA VAL A 22 -3.59 9.11 1.66
C VAL A 22 -3.06 8.26 2.81
N THR A 23 -3.92 7.99 3.79
CA THR A 23 -3.53 7.18 4.94
C THR A 23 -3.21 5.74 4.53
N ARG A 24 -3.65 5.37 3.33
CA ARG A 24 -3.42 4.02 2.83
C ARG A 24 -2.72 4.07 1.47
N ARG A 25 -1.65 4.85 1.39
CA ARG A 25 -0.89 4.99 0.15
C ARG A 25 -0.51 3.61 -0.41
N GLU A 26 -0.16 2.70 0.49
CA GLU A 26 0.23 1.34 0.08
C GLU A 26 -0.88 0.69 -0.72
N ALA A 27 -2.12 1.06 -0.43
CA ALA A 27 -3.28 0.50 -1.12
C ALA A 27 -3.32 0.98 -2.57
N TYR A 28 -2.52 1.98 -2.88
CA TYR A 28 -2.48 2.54 -4.24
C TYR A 28 -1.99 1.49 -5.22
N LEU A 29 -1.44 0.39 -4.71
CA LEU A 29 -0.94 -0.69 -5.56
C LEU A 29 -2.06 -1.64 -5.96
N SER A 30 -1.84 -2.39 -7.02
CA SER A 30 -2.83 -3.35 -7.51
C SER A 30 -3.05 -4.47 -6.49
N SER A 31 -4.26 -5.02 -6.47
CA SER A 31 -4.58 -6.10 -5.55
C SER A 31 -3.56 -7.22 -5.63
N GLU A 32 -2.95 -7.38 -6.81
CA GLU A 32 -1.95 -8.41 -7.02
C GLU A 32 -0.62 -8.02 -6.39
N GLU A 33 -0.08 -6.88 -6.82
CA GLU A 33 1.20 -6.39 -6.31
C GLU A 33 1.10 -6.12 -4.81
N PHE A 34 0.11 -5.32 -4.42
CA PHE A 34 -0.09 -4.97 -3.03
C PHE A 34 -0.08 -6.23 -2.15
N LYS A 35 -0.96 -7.17 -2.48
CA LYS A 35 -1.07 -8.41 -1.73
C LYS A 35 0.19 -9.26 -1.90
N GLU A 36 0.90 -9.03 -2.99
CA GLU A 36 2.12 -9.78 -3.27
C GLU A 36 3.27 -9.27 -2.42
N LYS A 37 3.19 -8.02 -2.00
CA LYS A 37 4.22 -7.41 -1.17
C LYS A 37 3.90 -7.56 0.31
N PHE A 38 2.60 -7.55 0.63
CA PHE A 38 2.15 -7.69 2.01
C PHE A 38 1.73 -9.12 2.30
N GLY A 39 1.43 -9.87 1.24
CA GLY A 39 1.00 -11.24 1.41
C GLY A 39 -0.48 -11.37 1.68
N MET A 40 -1.14 -10.23 1.91
CA MET A 40 -2.57 -10.22 2.20
C MET A 40 -3.31 -9.38 1.15
N THR A 41 -4.49 -9.86 0.75
CA THR A 41 -5.30 -9.16 -0.24
C THR A 41 -5.65 -7.76 0.24
N LYS A 42 -6.22 -6.96 -0.66
CA LYS A 42 -6.61 -5.59 -0.33
C LYS A 42 -7.51 -5.56 0.89
N GLU A 43 -8.60 -6.34 0.84
CA GLU A 43 -9.54 -6.41 1.95
C GLU A 43 -8.99 -7.25 3.09
N ALA A 44 -8.40 -8.39 2.74
CA ALA A 44 -7.83 -9.29 3.75
C ALA A 44 -6.84 -8.56 4.63
N PHE A 45 -6.03 -7.70 4.02
CA PHE A 45 -5.02 -6.93 4.75
C PHE A 45 -5.68 -6.00 5.77
N TYR A 46 -6.72 -5.30 5.31
CA TYR A 46 -7.43 -4.35 6.16
C TYR A 46 -7.92 -5.04 7.44
N LYS A 47 -8.09 -6.36 7.37
CA LYS A 47 -8.55 -7.14 8.51
C LYS A 47 -7.61 -6.95 9.71
N LEU A 48 -6.38 -6.57 9.43
CA LEU A 48 -5.38 -6.35 10.48
C LEU A 48 -5.63 -5.03 11.18
N PRO A 49 -5.07 -4.90 12.39
CA PRO A 49 -5.20 -3.68 13.20
C PRO A 49 -4.42 -2.50 12.61
N LYS A 50 -4.65 -1.32 13.16
CA LYS A 50 -3.97 -0.11 12.69
C LYS A 50 -2.48 -0.19 12.97
N TRP A 51 -2.13 -0.57 14.20
CA TRP A 51 -0.73 -0.69 14.60
C TRP A 51 0.02 -1.64 13.68
N LYS A 52 -0.60 -2.76 13.36
CA LYS A 52 0.01 -3.77 12.49
C LYS A 52 -0.06 -3.33 11.03
N GLN A 53 -1.12 -2.60 10.69
CA GLN A 53 -1.31 -2.12 9.32
C GLN A 53 -0.21 -1.14 8.93
N ASN A 54 0.15 -0.25 9.87
CA ASN A 54 1.19 0.74 9.63
C ASN A 54 2.57 0.09 9.62
N LYS A 55 2.70 -1.01 10.36
CA LYS A 55 3.97 -1.73 10.45
C LYS A 55 4.29 -2.43 9.13
N PHE A 56 3.34 -3.22 8.66
CA PHE A 56 3.52 -3.96 7.41
C PHE A 56 3.76 -3.00 6.24
N LYS A 57 3.05 -1.88 6.25
CA LYS A 57 3.20 -0.88 5.19
C LYS A 57 4.66 -0.60 4.91
N MET A 58 5.38 -0.10 5.92
CA MET A 58 6.79 0.21 5.77
C MET A 58 7.61 -1.06 5.58
N ALA A 59 7.10 -2.17 6.11
CA ALA A 59 7.79 -3.46 6.00
C ALA A 59 8.11 -3.78 4.54
N VAL A 60 7.14 -3.51 3.66
CA VAL A 60 7.32 -3.78 2.23
C VAL A 60 7.76 -2.52 1.49
N GLN A 61 8.21 -1.52 2.25
CA GLN A 61 8.66 -0.26 1.65
C GLN A 61 7.48 0.52 1.07
N LEU A 62 6.30 0.33 1.65
CA LEU A 62 5.10 1.02 1.18
C LEU A 62 4.46 1.81 2.31
N PHE A 63 4.78 3.09 2.39
CA PHE A 63 4.22 3.96 3.42
C PHE A 63 4.07 5.38 2.91
N LEU A 1 -9.72 6.54 -11.52
CA LEU A 1 -8.36 6.67 -12.02
C LEU A 1 -7.59 5.36 -11.81
N PRO A 2 -6.51 5.18 -12.60
CA PRO A 2 -5.67 3.99 -12.52
C PRO A 2 -4.86 3.93 -11.22
N ALA A 3 -4.15 2.84 -11.02
CA ALA A 3 -3.33 2.66 -9.83
C ALA A 3 -1.86 2.89 -10.13
N HIS A 4 -1.02 2.82 -9.10
CA HIS A 4 0.41 3.03 -9.27
C HIS A 4 1.19 1.77 -8.89
N PRO A 5 2.17 1.40 -9.74
CA PRO A 5 2.99 0.21 -9.52
C PRO A 5 3.94 0.37 -8.34
N TYR A 6 4.42 -0.75 -7.80
CA TYR A 6 5.33 -0.73 -6.66
C TYR A 6 6.67 -0.13 -7.06
N ASP A 7 7.07 -0.37 -8.31
CA ASP A 7 8.34 0.15 -8.82
C ASP A 7 8.38 1.67 -8.74
N ARG A 8 7.21 2.29 -8.81
CA ARG A 8 7.10 3.74 -8.76
C ARG A 8 6.75 4.22 -7.34
N LEU A 9 6.15 3.32 -6.57
CA LEU A 9 5.77 3.65 -5.20
C LEU A 9 6.89 3.31 -4.22
N LYS A 10 7.18 4.24 -3.31
CA LYS A 10 8.23 4.05 -2.32
C LYS A 10 7.71 4.35 -0.91
N THR A 11 8.42 3.84 0.10
CA THR A 11 8.02 4.06 1.48
C THR A 11 7.92 5.54 1.80
N THR A 12 8.87 6.32 1.29
CA THR A 12 8.88 7.76 1.52
C THR A 12 9.01 8.52 0.21
N SER A 13 8.26 8.10 -0.80
CA SER A 13 8.29 8.74 -2.10
C SER A 13 7.29 9.89 -2.17
N THR A 14 7.62 10.92 -2.94
CA THR A 14 6.75 12.08 -3.09
C THR A 14 6.12 12.11 -4.47
N ASP A 15 6.25 11.02 -5.21
CA ASP A 15 5.69 10.92 -6.55
C ASP A 15 4.21 11.31 -6.55
N PRO A 16 3.69 11.65 -7.73
CA PRO A 16 2.29 12.05 -7.89
C PRO A 16 1.32 10.87 -7.70
N VAL A 17 0.08 11.19 -7.35
CA VAL A 17 -0.93 10.16 -7.13
C VAL A 17 -2.27 10.57 -7.72
N SER A 18 -3.23 9.66 -7.72
CA SER A 18 -4.55 9.92 -8.27
C SER A 18 -5.47 10.51 -7.21
N ASP A 19 -4.88 10.92 -6.09
CA ASP A 19 -5.65 11.50 -5.00
C ASP A 19 -6.54 10.46 -4.33
N ILE A 20 -5.93 9.60 -3.52
CA ILE A 20 -6.66 8.55 -2.83
C ILE A 20 -6.32 8.55 -1.34
N ASP A 21 -6.79 7.51 -0.63
CA ASP A 21 -6.54 7.38 0.78
C ASP A 21 -5.07 7.63 1.11
N VAL A 22 -4.76 8.85 1.55
CA VAL A 22 -3.39 9.21 1.88
C VAL A 22 -2.85 8.31 2.99
N THR A 23 -3.68 8.06 4.00
CA THR A 23 -3.27 7.22 5.13
C THR A 23 -3.02 5.78 4.67
N ARG A 24 -3.55 5.43 3.50
CA ARG A 24 -3.38 4.09 2.97
C ARG A 24 -2.68 4.13 1.62
N ARG A 25 -1.59 4.89 1.54
CA ARG A 25 -0.83 5.02 0.31
C ARG A 25 -0.47 3.64 -0.26
N GLU A 26 -0.15 2.71 0.63
CA GLU A 26 0.20 1.36 0.22
C GLU A 26 -0.92 0.72 -0.60
N ALA A 27 -2.15 1.12 -0.30
CA ALA A 27 -3.31 0.60 -1.02
C ALA A 27 -3.34 1.09 -2.46
N TYR A 28 -2.53 2.10 -2.75
CA TYR A 28 -2.47 2.67 -4.09
C TYR A 28 -1.99 1.63 -5.10
N LEU A 29 -1.46 0.52 -4.60
CA LEU A 29 -0.96 -0.55 -5.45
C LEU A 29 -2.10 -1.49 -5.86
N SER A 30 -1.87 -2.27 -6.91
CA SER A 30 -2.87 -3.22 -7.40
C SER A 30 -3.06 -4.36 -6.40
N SER A 31 -4.27 -4.92 -6.40
CA SER A 31 -4.59 -6.02 -5.50
C SER A 31 -3.56 -7.14 -5.61
N GLU A 32 -2.95 -7.26 -6.79
CA GLU A 32 -1.94 -8.29 -7.02
C GLU A 32 -0.61 -7.90 -6.38
N GLU A 33 -0.08 -6.75 -6.79
CA GLU A 33 1.19 -6.26 -6.27
C GLU A 33 1.09 -6.00 -4.77
N PHE A 34 0.10 -5.22 -4.36
CA PHE A 34 -0.11 -4.89 -2.95
C PHE A 34 -0.10 -6.15 -2.11
N LYS A 35 -0.97 -7.10 -2.44
CA LYS A 35 -1.07 -8.35 -1.71
C LYS A 35 0.19 -9.19 -1.89
N GLU A 36 0.89 -8.95 -2.99
CA GLU A 36 2.11 -9.68 -3.29
C GLU A 36 3.27 -9.18 -2.44
N LYS A 37 3.18 -7.92 -2.00
CA LYS A 37 4.21 -7.32 -1.18
C LYS A 37 3.90 -7.50 0.31
N PHE A 38 2.61 -7.52 0.64
CA PHE A 38 2.18 -7.69 2.02
C PHE A 38 1.77 -9.13 2.29
N GLY A 39 1.46 -9.87 1.23
CA GLY A 39 1.05 -11.26 1.38
C GLY A 39 -0.44 -11.39 1.68
N MET A 40 -1.09 -10.26 1.94
CA MET A 40 -2.51 -10.27 2.23
C MET A 40 -3.30 -9.47 1.20
N THR A 41 -4.48 -9.97 0.84
CA THR A 41 -5.32 -9.30 -0.15
C THR A 41 -5.67 -7.88 0.30
N LYS A 42 -6.24 -7.10 -0.62
CA LYS A 42 -6.63 -5.73 -0.32
C LYS A 42 -7.53 -5.67 0.91
N GLU A 43 -8.61 -6.45 0.88
CA GLU A 43 -9.56 -6.49 1.99
C GLU A 43 -9.00 -7.30 3.15
N ALA A 44 -8.40 -8.45 2.82
CA ALA A 44 -7.82 -9.32 3.84
C ALA A 44 -6.83 -8.57 4.72
N PHE A 45 -5.97 -7.76 4.08
CA PHE A 45 -4.98 -6.99 4.81
C PHE A 45 -5.64 -6.04 5.81
N TYR A 46 -6.66 -5.33 5.34
CA TYR A 46 -7.38 -4.38 6.19
C TYR A 46 -7.86 -5.06 7.47
N LYS A 47 -8.06 -6.37 7.40
CA LYS A 47 -8.52 -7.14 8.56
C LYS A 47 -7.56 -6.97 9.73
N LEU A 48 -6.31 -6.67 9.43
CA LEU A 48 -5.30 -6.48 10.47
C LEU A 48 -5.55 -5.19 11.25
N PRO A 49 -4.96 -5.10 12.45
CA PRO A 49 -5.12 -3.92 13.32
C PRO A 49 -4.39 -2.71 12.77
N LYS A 50 -4.67 -1.55 13.36
CA LYS A 50 -4.05 -0.31 12.92
C LYS A 50 -2.55 -0.31 13.21
N TRP A 51 -2.17 -0.89 14.35
CA TRP A 51 -0.77 -0.98 14.74
C TRP A 51 0.01 -1.86 13.78
N LYS A 52 -0.59 -2.98 13.38
CA LYS A 52 0.05 -3.90 12.46
C LYS A 52 -0.01 -3.39 11.03
N GLN A 53 -1.13 -2.77 10.66
CA GLN A 53 -1.32 -2.22 9.32
C GLN A 53 -0.23 -1.20 9.01
N ASN A 54 0.12 -0.39 9.99
CA ASN A 54 1.15 0.63 9.81
C ASN A 54 2.54 0.01 9.80
N LYS A 55 2.69 -1.12 10.49
CA LYS A 55 3.96 -1.82 10.55
C LYS A 55 4.28 -2.50 9.23
N PHE A 56 3.35 -3.31 8.74
CA PHE A 56 3.52 -4.01 7.48
C PHE A 56 3.74 -3.04 6.33
N LYS A 57 2.99 -1.94 6.35
CA LYS A 57 3.10 -0.93 5.30
C LYS A 57 4.56 -0.60 5.02
N MET A 58 5.25 -0.09 6.03
CA MET A 58 6.66 0.27 5.89
C MET A 58 7.52 -0.99 5.68
N ALA A 59 7.05 -2.12 6.20
CA ALA A 59 7.77 -3.37 6.08
C ALA A 59 8.10 -3.68 4.62
N VAL A 60 7.13 -3.43 3.74
CA VAL A 60 7.31 -3.68 2.32
C VAL A 60 7.72 -2.41 1.59
N GLN A 61 8.13 -1.40 2.35
CA GLN A 61 8.55 -0.13 1.76
C GLN A 61 7.36 0.62 1.17
N LEU A 62 6.20 0.43 1.77
CA LEU A 62 4.98 1.08 1.30
C LEU A 62 4.29 1.83 2.43
N PHE A 63 4.56 3.13 2.52
CA PHE A 63 3.98 3.96 3.56
C PHE A 63 3.79 5.40 3.07
N LEU A 1 -10.63 2.21 -9.93
CA LEU A 1 -9.86 3.41 -9.65
C LEU A 1 -8.42 3.26 -10.11
N PRO A 2 -7.76 4.39 -10.38
CA PRO A 2 -6.37 4.41 -10.84
C PRO A 2 -5.39 4.00 -9.75
N ALA A 3 -4.44 3.15 -10.11
CA ALA A 3 -3.44 2.67 -9.16
C ALA A 3 -2.02 2.86 -9.70
N HIS A 4 -1.04 2.82 -8.80
CA HIS A 4 0.35 3.00 -9.19
C HIS A 4 1.17 1.74 -8.87
N PRO A 5 2.17 1.46 -9.71
CA PRO A 5 3.04 0.29 -9.54
C PRO A 5 3.96 0.42 -8.33
N TYR A 6 4.44 -0.70 -7.83
CA TYR A 6 5.33 -0.71 -6.68
C TYR A 6 6.68 -0.07 -7.02
N ASP A 7 7.11 -0.25 -8.27
CA ASP A 7 8.37 0.32 -8.72
C ASP A 7 8.36 1.84 -8.62
N ARG A 8 7.17 2.42 -8.70
CA ARG A 8 7.02 3.87 -8.61
C ARG A 8 6.69 4.30 -7.19
N LEU A 9 6.19 3.36 -6.39
CA LEU A 9 5.84 3.64 -5.00
C LEU A 9 7.01 3.35 -4.07
N LYS A 10 7.29 4.27 -3.16
CA LYS A 10 8.38 4.12 -2.20
C LYS A 10 7.90 4.38 -0.78
N THR A 11 8.55 3.75 0.19
CA THR A 11 8.19 3.93 1.59
C THR A 11 8.08 5.41 1.95
N THR A 12 9.02 6.20 1.44
CA THR A 12 9.02 7.64 1.70
C THR A 12 9.10 8.43 0.40
N SER A 13 8.32 8.02 -0.58
CA SER A 13 8.31 8.69 -1.88
C SER A 13 7.37 9.90 -1.84
N THR A 14 7.65 10.88 -2.69
CA THR A 14 6.85 12.09 -2.77
C THR A 14 6.21 12.25 -4.14
N ASP A 15 6.38 11.24 -4.99
CA ASP A 15 5.83 11.27 -6.34
C ASP A 15 4.34 11.59 -6.31
N PRO A 16 3.80 12.03 -7.46
CA PRO A 16 2.39 12.38 -7.59
C PRO A 16 1.48 11.16 -7.51
N VAL A 17 0.20 11.39 -7.21
CA VAL A 17 -0.77 10.31 -7.11
C VAL A 17 -2.09 10.70 -7.76
N SER A 18 -3.00 9.73 -7.85
CA SER A 18 -4.31 9.97 -8.46
C SER A 18 -5.29 10.53 -7.44
N ASP A 19 -4.77 10.95 -6.29
CA ASP A 19 -5.60 11.51 -5.23
C ASP A 19 -6.47 10.43 -4.60
N ILE A 20 -5.86 9.59 -3.78
CA ILE A 20 -6.59 8.52 -3.11
C ILE A 20 -6.28 8.49 -1.62
N ASP A 21 -6.75 7.44 -0.94
CA ASP A 21 -6.52 7.30 0.49
C ASP A 21 -5.06 7.57 0.84
N VAL A 22 -4.78 8.79 1.29
CA VAL A 22 -3.42 9.17 1.67
C VAL A 22 -2.89 8.29 2.79
N THR A 23 -3.74 8.04 3.78
CA THR A 23 -3.35 7.22 4.92
C THR A 23 -3.09 5.78 4.50
N ARG A 24 -3.57 5.42 3.31
CA ARG A 24 -3.38 4.07 2.78
C ARG A 24 -2.67 4.11 1.43
N ARG A 25 -1.58 4.87 1.36
CA ARG A 25 -0.81 4.99 0.13
C ARG A 25 -0.46 3.62 -0.44
N GLU A 26 -0.14 2.69 0.46
CA GLU A 26 0.23 1.33 0.06
C GLU A 26 -0.89 0.70 -0.77
N ALA A 27 -2.13 1.09 -0.47
CA ALA A 27 -3.29 0.56 -1.19
C ALA A 27 -3.31 1.04 -2.64
N TYR A 28 -2.49 2.05 -2.93
CA TYR A 28 -2.43 2.61 -4.27
C TYR A 28 -1.95 1.56 -5.27
N LEU A 29 -1.42 0.45 -4.76
CA LEU A 29 -0.93 -0.62 -5.60
C LEU A 29 -2.06 -1.57 -6.01
N SER A 30 -1.82 -2.35 -7.06
CA SER A 30 -2.82 -3.29 -7.55
C SER A 30 -3.04 -4.42 -6.56
N SER A 31 -4.24 -4.98 -6.55
CA SER A 31 -4.57 -6.08 -5.65
C SER A 31 -3.53 -7.20 -5.74
N GLU A 32 -2.91 -7.33 -6.91
CA GLU A 32 -1.91 -8.36 -7.12
C GLU A 32 -0.58 -7.96 -6.47
N GLU A 33 -0.05 -6.81 -6.89
CA GLU A 33 1.21 -6.32 -6.35
C GLU A 33 1.10 -6.07 -4.85
N PHE A 34 0.10 -5.28 -4.47
CA PHE A 34 -0.12 -4.95 -3.06
C PHE A 34 -0.12 -6.21 -2.21
N LYS A 35 -1.00 -7.15 -2.54
CA LYS A 35 -1.11 -8.39 -1.80
C LYS A 35 0.16 -9.24 -1.97
N GLU A 36 0.88 -9.01 -3.06
CA GLU A 36 2.10 -9.75 -3.34
C GLU A 36 3.25 -9.24 -2.46
N LYS A 37 3.16 -7.99 -2.05
CA LYS A 37 4.18 -7.38 -1.20
C LYS A 37 3.84 -7.55 0.28
N PHE A 38 2.55 -7.57 0.58
CA PHE A 38 2.09 -7.72 1.95
C PHE A 38 1.63 -9.16 2.22
N GLY A 39 1.50 -9.93 1.16
CA GLY A 39 1.07 -11.31 1.29
C GLY A 39 -0.37 -11.44 1.71
N MET A 40 -1.08 -10.31 1.72
CA MET A 40 -2.49 -10.30 2.11
C MET A 40 -3.31 -9.47 1.13
N THR A 41 -4.50 -9.96 0.80
CA THR A 41 -5.39 -9.26 -0.12
C THR A 41 -5.88 -7.95 0.48
N LYS A 42 -6.79 -7.28 -0.23
CA LYS A 42 -7.34 -6.01 0.23
C LYS A 42 -8.15 -6.20 1.51
N GLU A 43 -9.07 -7.15 1.48
CA GLU A 43 -9.91 -7.44 2.65
C GLU A 43 -9.11 -8.16 3.73
N ALA A 44 -8.12 -8.93 3.31
CA ALA A 44 -7.28 -9.68 4.24
C ALA A 44 -6.35 -8.74 5.01
N PHE A 45 -5.63 -7.90 4.27
CA PHE A 45 -4.70 -6.96 4.87
C PHE A 45 -5.44 -5.97 5.77
N TYR A 46 -6.41 -5.27 5.19
CA TYR A 46 -7.19 -4.29 5.93
C TYR A 46 -7.76 -4.90 7.20
N LYS A 47 -7.98 -6.21 7.18
CA LYS A 47 -8.53 -6.92 8.33
C LYS A 47 -7.65 -6.72 9.55
N LEU A 48 -6.36 -6.50 9.33
CA LEU A 48 -5.41 -6.30 10.41
C LEU A 48 -5.66 -4.96 11.11
N PRO A 49 -5.14 -4.82 12.34
CA PRO A 49 -5.29 -3.61 13.13
C PRO A 49 -4.50 -2.44 12.56
N LYS A 50 -4.70 -1.26 13.13
CA LYS A 50 -4.01 -0.05 12.68
C LYS A 50 -2.51 -0.15 12.96
N TRP A 51 -2.17 -0.53 14.19
CA TRP A 51 -0.77 -0.66 14.58
C TRP A 51 -0.03 -1.63 13.65
N LYS A 52 -0.69 -2.74 13.32
CA LYS A 52 -0.09 -3.74 12.44
C LYS A 52 -0.14 -3.28 10.99
N GLN A 53 -1.20 -2.57 10.63
CA GLN A 53 -1.36 -2.08 9.27
C GLN A 53 -0.25 -1.10 8.91
N ASN A 54 0.14 -0.27 9.86
CA ASN A 54 1.20 0.71 9.65
C ASN A 54 2.57 0.04 9.66
N LYS A 55 2.68 -1.08 10.36
CA LYS A 55 3.93 -1.82 10.45
C LYS A 55 4.24 -2.52 9.13
N PHE A 56 3.27 -3.29 8.64
CA PHE A 56 3.44 -4.02 7.39
C PHE A 56 3.66 -3.06 6.23
N LYS A 57 2.93 -1.96 6.23
CA LYS A 57 3.05 -0.95 5.18
C LYS A 57 4.51 -0.62 4.89
N MET A 58 5.20 -0.13 5.92
CA MET A 58 6.60 0.23 5.78
C MET A 58 7.46 -1.02 5.60
N ALA A 59 6.99 -2.15 6.12
CA ALA A 59 7.71 -3.41 6.02
C ALA A 59 8.04 -3.73 4.57
N VAL A 60 7.09 -3.49 3.68
CA VAL A 60 7.29 -3.75 2.26
C VAL A 60 7.73 -2.49 1.53
N GLN A 61 8.14 -1.48 2.28
CA GLN A 61 8.58 -0.22 1.70
C GLN A 61 7.42 0.54 1.08
N LEU A 62 6.24 0.36 1.67
CA LEU A 62 5.04 1.04 1.17
C LEU A 62 4.36 1.83 2.28
N PHE A 63 4.67 3.12 2.35
CA PHE A 63 4.10 4.00 3.36
C PHE A 63 4.03 5.44 2.85
N LEU A 1 -10.12 4.08 -11.85
CA LEU A 1 -9.04 5.04 -11.94
C LEU A 1 -7.69 4.34 -12.09
N PRO A 2 -6.69 5.07 -12.58
CA PRO A 2 -5.33 4.53 -12.78
C PRO A 2 -4.62 4.26 -11.46
N ALA A 3 -3.83 3.19 -11.42
CA ALA A 3 -3.09 2.82 -10.22
C ALA A 3 -1.60 3.08 -10.41
N HIS A 4 -0.84 2.88 -9.34
CA HIS A 4 0.60 3.10 -9.37
C HIS A 4 1.35 1.83 -8.98
N PRO A 5 2.33 1.43 -9.81
CA PRO A 5 3.14 0.24 -9.58
C PRO A 5 4.09 0.40 -8.39
N TYR A 6 4.52 -0.72 -7.82
CA TYR A 6 5.42 -0.70 -6.68
C TYR A 6 6.78 -0.14 -7.07
N ASP A 7 7.19 -0.40 -8.31
CA ASP A 7 8.47 0.09 -8.80
C ASP A 7 8.54 1.62 -8.75
N ARG A 8 7.38 2.26 -8.82
CA ARG A 8 7.30 3.71 -8.77
C ARG A 8 6.93 4.19 -7.38
N LEU A 9 6.27 3.33 -6.61
CA LEU A 9 5.85 3.68 -5.26
C LEU A 9 6.95 3.32 -4.25
N LYS A 10 7.22 4.24 -3.34
CA LYS A 10 8.25 4.03 -2.32
C LYS A 10 7.69 4.34 -0.93
N THR A 11 8.40 3.87 0.09
CA THR A 11 7.98 4.09 1.48
C THR A 11 7.87 5.57 1.79
N THR A 12 8.83 6.35 1.30
CA THR A 12 8.83 7.79 1.52
C THR A 12 9.00 8.54 0.20
N SER A 13 8.26 8.11 -0.82
CA SER A 13 8.32 8.75 -2.12
C SER A 13 7.31 9.90 -2.22
N THR A 14 7.66 10.92 -2.99
CA THR A 14 6.79 12.08 -3.16
C THR A 14 6.18 12.10 -4.56
N ASP A 15 6.32 10.98 -5.28
CA ASP A 15 5.77 10.88 -6.62
C ASP A 15 4.30 11.27 -6.66
N PRO A 16 3.80 11.60 -7.86
CA PRO A 16 2.41 12.00 -8.06
C PRO A 16 1.43 10.85 -7.85
N VAL A 17 0.19 11.18 -7.49
CA VAL A 17 -0.83 10.16 -7.26
C VAL A 17 -2.17 10.59 -7.86
N SER A 18 -3.14 9.69 -7.85
CA SER A 18 -4.46 9.97 -8.40
C SER A 18 -5.36 10.58 -7.33
N ASP A 19 -4.77 10.99 -6.21
CA ASP A 19 -5.51 11.59 -5.12
C ASP A 19 -6.43 10.56 -4.46
N ILE A 20 -5.86 9.73 -3.61
CA ILE A 20 -6.61 8.70 -2.91
C ILE A 20 -6.27 8.67 -1.43
N ASP A 21 -6.77 7.66 -0.73
CA ASP A 21 -6.51 7.51 0.70
C ASP A 21 -5.03 7.74 1.02
N VAL A 22 -4.71 8.95 1.45
CA VAL A 22 -3.33 9.29 1.79
C VAL A 22 -2.79 8.39 2.90
N THR A 23 -3.63 8.14 3.90
CA THR A 23 -3.24 7.29 5.02
C THR A 23 -3.02 5.85 4.58
N ARG A 24 -3.54 5.51 3.40
CA ARG A 24 -3.40 4.16 2.87
C ARG A 24 -2.68 4.19 1.52
N ARG A 25 -1.58 4.95 1.46
CA ARG A 25 -0.81 5.05 0.23
C ARG A 25 -0.47 3.67 -0.32
N GLU A 26 -0.16 2.74 0.57
CA GLU A 26 0.18 1.39 0.17
C GLU A 26 -0.93 0.76 -0.66
N ALA A 27 -2.16 1.18 -0.39
CA ALA A 27 -3.32 0.66 -1.13
C ALA A 27 -3.32 1.16 -2.57
N TYR A 28 -2.50 2.17 -2.84
CA TYR A 28 -2.41 2.74 -4.18
C TYR A 28 -1.93 1.69 -5.19
N LEU A 29 -1.41 0.58 -4.68
CA LEU A 29 -0.91 -0.50 -5.52
C LEU A 29 -2.04 -1.43 -5.93
N SER A 30 -1.81 -2.21 -6.99
CA SER A 30 -2.81 -3.15 -7.49
C SER A 30 -3.03 -4.29 -6.51
N SER A 31 -4.23 -4.85 -6.52
CA SER A 31 -4.56 -5.95 -5.62
C SER A 31 -3.53 -7.07 -5.72
N GLU A 32 -2.90 -7.19 -6.88
CA GLU A 32 -1.90 -8.22 -7.11
C GLU A 32 -0.57 -7.83 -6.45
N GLU A 33 -0.02 -6.68 -6.86
CA GLU A 33 1.23 -6.19 -6.32
C GLU A 33 1.12 -5.95 -4.81
N PHE A 34 0.11 -5.17 -4.42
CA PHE A 34 -0.11 -4.86 -3.01
C PHE A 34 -0.10 -6.12 -2.16
N LYS A 35 -0.97 -7.07 -2.52
CA LYS A 35 -1.08 -8.33 -1.80
C LYS A 35 0.19 -9.16 -1.97
N GLU A 36 0.92 -8.91 -3.06
CA GLU A 36 2.15 -9.63 -3.33
C GLU A 36 3.29 -9.13 -2.44
N LYS A 37 3.19 -7.89 -2.01
CA LYS A 37 4.21 -7.30 -1.14
C LYS A 37 3.86 -7.49 0.33
N PHE A 38 2.56 -7.50 0.63
CA PHE A 38 2.08 -7.68 1.99
C PHE A 38 1.64 -9.12 2.23
N GLY A 39 1.52 -9.89 1.15
CA GLY A 39 1.11 -11.27 1.27
C GLY A 39 -0.35 -11.40 1.68
N MET A 40 -1.06 -10.28 1.70
CA MET A 40 -2.47 -10.28 2.08
C MET A 40 -3.29 -9.43 1.12
N THR A 41 -4.49 -9.91 0.79
CA THR A 41 -5.37 -9.20 -0.12
C THR A 41 -5.87 -7.90 0.49
N LYS A 42 -6.76 -7.22 -0.22
CA LYS A 42 -7.31 -5.95 0.26
C LYS A 42 -8.11 -6.16 1.54
N GLU A 43 -9.05 -7.10 1.50
CA GLU A 43 -9.89 -7.40 2.65
C GLU A 43 -9.10 -8.14 3.72
N ALA A 44 -8.12 -8.93 3.29
CA ALA A 44 -7.28 -9.69 4.21
C ALA A 44 -6.34 -8.78 4.99
N PHE A 45 -5.62 -7.92 4.27
CA PHE A 45 -4.68 -7.00 4.89
C PHE A 45 -5.41 -6.04 5.83
N TYR A 46 -6.39 -5.33 5.28
CA TYR A 46 -7.16 -4.37 6.06
C TYR A 46 -7.76 -5.02 7.29
N LYS A 47 -7.95 -6.33 7.22
CA LYS A 47 -8.52 -7.09 8.34
C LYS A 47 -7.66 -6.92 9.59
N LEU A 48 -6.36 -6.77 9.40
CA LEU A 48 -5.44 -6.60 10.51
C LEU A 48 -5.69 -5.28 11.24
N PRO A 49 -5.14 -5.15 12.46
CA PRO A 49 -5.29 -3.94 13.27
C PRO A 49 -4.53 -2.76 12.69
N LYS A 50 -4.75 -1.58 13.26
CA LYS A 50 -4.08 -0.37 12.81
C LYS A 50 -2.59 -0.44 13.10
N TRP A 51 -2.24 -0.80 14.33
CA TRP A 51 -0.84 -0.91 14.73
C TRP A 51 -0.08 -1.84 13.80
N LYS A 52 -0.70 -2.96 13.45
CA LYS A 52 -0.08 -3.94 12.57
C LYS A 52 -0.13 -3.48 11.12
N GLN A 53 -1.21 -2.78 10.76
CA GLN A 53 -1.39 -2.28 9.40
C GLN A 53 -0.29 -1.28 9.05
N ASN A 54 0.04 -0.41 10.00
CA ASN A 54 1.06 0.61 9.79
C ASN A 54 2.45 -0.02 9.78
N LYS A 55 2.60 -1.15 10.48
CA LYS A 55 3.87 -1.85 10.54
C LYS A 55 4.18 -2.53 9.21
N PHE A 56 3.24 -3.33 8.72
CA PHE A 56 3.41 -4.03 7.46
C PHE A 56 3.64 -3.05 6.31
N LYS A 57 2.90 -1.95 6.32
CA LYS A 57 3.02 -0.94 5.28
C LYS A 57 4.48 -0.61 5.02
N MET A 58 5.16 -0.10 6.04
CA MET A 58 6.58 0.25 5.91
C MET A 58 7.43 -0.99 5.72
N ALA A 59 6.96 -2.12 6.23
CA ALA A 59 7.68 -3.38 6.11
C ALA A 59 8.02 -3.69 4.65
N VAL A 60 7.07 -3.43 3.76
CA VAL A 60 7.27 -3.67 2.33
C VAL A 60 7.69 -2.39 1.62
N GLN A 61 8.09 -1.38 2.38
CA GLN A 61 8.52 -0.12 1.82
C GLN A 61 7.33 0.64 1.22
N LEU A 62 6.15 0.44 1.80
CA LEU A 62 4.94 1.10 1.32
C LEU A 62 4.25 1.84 2.46
N PHE A 63 4.52 3.15 2.55
CA PHE A 63 3.92 3.98 3.59
C PHE A 63 3.73 5.41 3.09
N LEU A 1 -10.33 4.87 -10.68
CA LEU A 1 -9.11 5.54 -11.12
C LEU A 1 -7.96 4.55 -11.25
N PRO A 2 -6.94 4.95 -12.02
CA PRO A 2 -5.76 4.10 -12.25
C PRO A 2 -4.90 3.97 -11.00
N ALA A 3 -4.18 2.85 -10.90
CA ALA A 3 -3.31 2.60 -9.76
C ALA A 3 -1.85 2.85 -10.11
N HIS A 4 -0.99 2.77 -9.10
CA HIS A 4 0.44 2.99 -9.30
C HIS A 4 1.24 1.73 -8.95
N PRO A 5 2.25 1.43 -9.79
CA PRO A 5 3.10 0.25 -9.59
C PRO A 5 4.01 0.40 -8.38
N TYR A 6 4.48 -0.72 -7.85
CA TYR A 6 5.36 -0.73 -6.69
C TYR A 6 6.72 -0.12 -7.05
N ASP A 7 7.15 -0.32 -8.29
CA ASP A 7 8.42 0.21 -8.74
C ASP A 7 8.45 1.73 -8.65
N ARG A 8 7.27 2.34 -8.74
CA ARG A 8 7.15 3.80 -8.67
C ARG A 8 6.82 4.24 -7.25
N LEU A 9 6.22 3.34 -6.48
CA LEU A 9 5.84 3.66 -5.10
C LEU A 9 6.98 3.33 -4.14
N LYS A 10 7.26 4.25 -3.23
CA LYS A 10 8.32 4.07 -2.24
C LYS A 10 7.82 4.35 -0.83
N THR A 11 8.48 3.77 0.16
CA THR A 11 8.10 3.96 1.55
C THR A 11 7.96 5.44 1.88
N THR A 12 8.89 6.24 1.37
CA THR A 12 8.88 7.68 1.62
C THR A 12 8.98 8.47 0.31
N SER A 13 8.22 8.02 -0.70
CA SER A 13 8.23 8.68 -1.99
C SER A 13 7.24 9.84 -2.03
N THR A 14 7.55 10.85 -2.83
CA THR A 14 6.69 12.03 -2.94
C THR A 14 6.07 12.11 -4.34
N ASP A 15 6.23 11.04 -5.12
CA ASP A 15 5.68 11.00 -6.46
C ASP A 15 4.19 11.36 -6.45
N PRO A 16 3.66 11.73 -7.63
CA PRO A 16 2.25 12.10 -7.78
C PRO A 16 1.32 10.91 -7.63
N VAL A 17 0.06 11.19 -7.30
CA VAL A 17 -0.94 10.14 -7.12
C VAL A 17 -2.27 10.53 -7.74
N SER A 18 -3.21 9.59 -7.76
CA SER A 18 -4.53 9.84 -8.34
C SER A 18 -5.46 10.44 -7.29
N ASP A 19 -4.90 10.86 -6.16
CA ASP A 19 -5.69 11.45 -5.09
C ASP A 19 -6.58 10.40 -4.43
N ILE A 20 -5.97 9.57 -3.58
CA ILE A 20 -6.71 8.53 -2.88
C ILE A 20 -6.36 8.50 -1.40
N ASP A 21 -6.81 7.47 -0.71
CA ASP A 21 -6.55 7.33 0.72
C ASP A 21 -5.07 7.59 1.02
N VAL A 22 -4.78 8.81 1.47
CA VAL A 22 -3.42 9.20 1.80
C VAL A 22 -2.85 8.33 2.91
N THR A 23 -3.67 8.06 3.93
CA THR A 23 -3.25 7.24 5.06
C THR A 23 -3.00 5.80 4.63
N ARG A 24 -3.51 5.44 3.45
CA ARG A 24 -3.33 4.10 2.93
C ARG A 24 -2.64 4.13 1.56
N ARG A 25 -1.57 4.90 1.47
CA ARG A 25 -0.82 5.02 0.22
C ARG A 25 -0.48 3.65 -0.34
N GLU A 26 -0.13 2.71 0.55
CA GLU A 26 0.22 1.36 0.14
C GLU A 26 -0.90 0.73 -0.67
N ALA A 27 -2.13 1.11 -0.37
CA ALA A 27 -3.30 0.58 -1.06
C ALA A 27 -3.34 1.06 -2.51
N TYR A 28 -2.53 2.08 -2.82
CA TYR A 28 -2.48 2.64 -4.16
C TYR A 28 -2.00 1.59 -5.16
N LEU A 29 -1.45 0.49 -4.65
CA LEU A 29 -0.96 -0.58 -5.50
C LEU A 29 -2.08 -1.55 -5.88
N SER A 30 -1.89 -2.26 -6.99
CA SER A 30 -2.90 -3.21 -7.46
C SER A 30 -3.09 -4.34 -6.46
N SER A 31 -4.29 -4.92 -6.45
CA SER A 31 -4.60 -6.02 -5.54
C SER A 31 -3.57 -7.13 -5.65
N GLU A 32 -2.97 -7.25 -6.83
CA GLU A 32 -1.95 -8.28 -7.07
C GLU A 32 -0.63 -7.88 -6.43
N GLU A 33 -0.10 -6.74 -6.84
CA GLU A 33 1.17 -6.25 -6.31
C GLU A 33 1.07 -6.00 -4.81
N PHE A 34 0.08 -5.23 -4.40
CA PHE A 34 -0.12 -4.92 -2.99
C PHE A 34 -0.12 -6.20 -2.15
N LYS A 35 -0.99 -7.13 -2.49
CA LYS A 35 -1.10 -8.39 -1.77
C LYS A 35 0.16 -9.23 -1.96
N GLU A 36 0.88 -8.97 -3.05
CA GLU A 36 2.11 -9.70 -3.35
C GLU A 36 3.26 -9.20 -2.49
N LYS A 37 3.17 -7.96 -2.04
CA LYS A 37 4.20 -7.36 -1.20
C LYS A 37 3.86 -7.54 0.28
N PHE A 38 2.58 -7.55 0.59
CA PHE A 38 2.12 -7.71 1.97
C PHE A 38 1.68 -9.14 2.24
N GLY A 39 1.46 -9.90 1.16
CA GLY A 39 1.04 -11.28 1.30
C GLY A 39 -0.46 -11.41 1.51
N MET A 40 -1.14 -10.28 1.69
CA MET A 40 -2.58 -10.29 1.91
C MET A 40 -3.25 -9.22 1.05
N THR A 41 -4.41 -9.55 0.50
CA THR A 41 -5.16 -8.62 -0.34
C THR A 41 -5.67 -7.44 0.46
N LYS A 42 -6.48 -6.60 -0.17
CA LYS A 42 -7.04 -5.43 0.49
C LYS A 42 -7.87 -5.83 1.71
N GLU A 43 -8.85 -6.71 1.48
CA GLU A 43 -9.71 -7.17 2.56
C GLU A 43 -8.90 -7.88 3.65
N ALA A 44 -8.11 -8.87 3.23
CA ALA A 44 -7.28 -9.63 4.17
C ALA A 44 -6.38 -8.69 4.98
N PHE A 45 -5.62 -7.86 4.27
CA PHE A 45 -4.71 -6.92 4.92
C PHE A 45 -5.48 -5.97 5.84
N TYR A 46 -6.46 -5.28 5.28
CA TYR A 46 -7.27 -4.33 6.04
C TYR A 46 -7.82 -4.99 7.29
N LYS A 47 -8.02 -6.30 7.24
CA LYS A 47 -8.54 -7.05 8.38
C LYS A 47 -7.65 -6.86 9.61
N LEU A 48 -6.37 -6.64 9.38
CA LEU A 48 -5.41 -6.45 10.46
C LEU A 48 -5.66 -5.12 11.18
N PRO A 49 -5.13 -4.99 12.40
CA PRO A 49 -5.28 -3.79 13.20
C PRO A 49 -4.49 -2.61 12.63
N LYS A 50 -4.71 -1.43 13.20
CA LYS A 50 -4.02 -0.22 12.75
C LYS A 50 -2.52 -0.32 13.03
N TRP A 51 -2.17 -0.69 14.26
CA TRP A 51 -0.77 -0.82 14.65
C TRP A 51 -0.03 -1.78 13.72
N LYS A 52 -0.69 -2.88 13.37
CA LYS A 52 -0.08 -3.87 12.49
C LYS A 52 -0.14 -3.40 11.04
N GLN A 53 -1.19 -2.68 10.69
CA GLN A 53 -1.35 -2.18 9.33
C GLN A 53 -0.25 -1.19 8.98
N ASN A 54 0.12 -0.36 9.94
CA ASN A 54 1.17 0.63 9.74
C ASN A 54 2.54 -0.02 9.74
N LYS A 55 2.67 -1.14 10.43
CA LYS A 55 3.93 -1.87 10.52
C LYS A 55 4.24 -2.56 9.19
N PHE A 56 3.29 -3.34 8.69
CA PHE A 56 3.47 -4.05 7.43
C PHE A 56 3.69 -3.08 6.28
N LYS A 57 2.95 -1.97 6.30
CA LYS A 57 3.06 -0.96 5.25
C LYS A 57 4.52 -0.63 4.98
N MET A 58 5.22 -0.13 5.99
CA MET A 58 6.62 0.23 5.85
C MET A 58 7.48 -1.02 5.66
N ALA A 59 7.00 -2.15 6.17
CA ALA A 59 7.73 -3.41 6.06
C ALA A 59 8.06 -3.73 4.60
N VAL A 60 7.10 -3.48 3.71
CA VAL A 60 7.28 -3.72 2.29
C VAL A 60 7.71 -2.45 1.56
N GLN A 61 8.13 -1.45 2.32
CA GLN A 61 8.57 -0.18 1.75
C GLN A 61 7.39 0.57 1.14
N LEU A 62 6.22 0.40 1.74
CA LEU A 62 5.01 1.06 1.26
C LEU A 62 4.32 1.84 2.39
N PHE A 63 4.62 3.13 2.47
CA PHE A 63 4.04 3.99 3.50
C PHE A 63 3.92 5.43 3.01
#